data_9EMV
#
_entry.id   9EMV
#
_cell.length_a   169.510
_cell.length_b   169.510
_cell.length_c   52.250
_cell.angle_alpha   90.000
_cell.angle_beta   90.000
_cell.angle_gamma   120.000
#
_symmetry.space_group_name_H-M   'P 31 2 1'
#
loop_
_entity.id
_entity.type
_entity.pdbx_description
1 polymer "2'-O-methyltransferase nsp16"
2 polymer 'Non-structural protein 10'
3 non-polymer SANGIVAMYCIN
4 non-polymer "P1-7-METHYLGUANOSINE-P3-ADENOSINE-5',5'-TRIPHOSPHATE"
5 non-polymer '2-(N-MORPHOLINO)-ETHANESULFONIC ACID'
6 non-polymer S-ADENOSYL-L-HOMOCYSTEINE
7 non-polymer 1,2-ETHANEDIOL
8 non-polymer "7-METHYL-GUANOSINE-5'-TRIPHOSPHATE-5'-(2'-O-METHYL)-ADENOSINE"
9 non-polymer 'ZINC ION'
10 water water
#
loop_
_entity_poly.entity_id
_entity_poly.type
_entity_poly.pdbx_seq_one_letter_code
_entity_poly.pdbx_strand_id
1 'polypeptide(L)'
;SSQAWQPGVAMPNLYKMQRMLLEKCDLQNYGDSATLPKGIMMNVAKYTQLCQYLNTLTLAVPYNMRVIHFGAGSDKGVAP
GTAVLRQWLPTGTLLVDSDLNDFVSDADSTLIGDCATVHTANKWDLIISDMYDPKTKNVTKENDSKEGFFTYICGFIQQK
LALGGSVAIKITEHSWNADLYKLMGHFAWWTAFVTNVNASSSEAFLIGCNYLGKPREQIDGYVMHANYIFWRNTNPIQLS
SYSLFDMSKFPLKLRGTAVMSLKEGQINDMILSLLSKGRLIIRENNRVVISSDVLVNNENLYFQ
;
A
2 'polypeptide(L)'
;GAGNATEVPANSTVLSFCAFAVDAAKAYKDYLASGGQPITNCVKMLCTHTGTGQAITVTPEANMDQESFGGASCCLYCRC
HIDHPNPKGFCDLKGKYVQIPTTCANDPVGFTLKNTVCTVCGMWKGYGCSCDQLREPMLQ
;
B
#
loop_
_chem_comp.id
_chem_comp.type
_chem_comp.name
_chem_comp.formula
EDO non-polymer 1,2-ETHANEDIOL 'C2 H6 O2'
GTA non-polymer P1-7-METHYLGUANOSINE-P3-ADENOSINE-5',5'-TRIPHOSPHATE 'C21 H30 N10 O17 P3 1'
MES non-polymer '2-(N-MORPHOLINO)-ETHANESULFONIC ACID' 'C6 H13 N O4 S'
SAH non-polymer S-ADENOSYL-L-HOMOCYSTEINE 'C14 H20 N6 O5 S'
SGV non-polymer SANGIVAMYCIN 'C12 H15 N5 O5'
V9G non-polymer 7-METHYL-GUANOSINE-5'-TRIPHOSPHATE-5'-(2'-O-METHYL)-ADENOSINE 'C22 H32 N10 O17 P3'
ZN non-polymer 'ZINC ION' 'Zn 2'
#
# COMPACT_ATOMS: atom_id res chain seq x y z
N SER A 2 -3.66 26.25 -6.29
CA SER A 2 -2.63 25.84 -5.36
C SER A 2 -2.61 24.35 -4.98
N GLN A 3 -3.63 23.64 -5.44
CA GLN A 3 -3.74 22.21 -5.14
C GLN A 3 -2.60 21.40 -5.76
N ALA A 4 -1.90 21.96 -6.75
CA ALA A 4 -0.94 21.15 -7.48
C ALA A 4 0.27 20.73 -6.65
N TRP A 5 0.66 21.51 -5.60
CA TRP A 5 1.79 21.16 -4.72
C TRP A 5 1.39 20.27 -3.58
N GLN A 6 0.11 19.89 -3.48
CA GLN A 6 -0.33 18.90 -2.51
C GLN A 6 -0.09 17.48 -3.03
N PRO A 7 -0.12 16.50 -2.14
CA PRO A 7 -0.15 15.09 -2.64
C PRO A 7 -1.39 14.78 -3.46
N GLY A 8 -2.54 15.36 -3.08
CA GLY A 8 -3.80 15.21 -3.80
C GLY A 8 -4.90 16.10 -3.27
N VAL A 9 -6.14 15.64 -3.35
CA VAL A 9 -7.26 16.53 -3.05
C VAL A 9 -8.33 15.71 -2.39
N ALA A 10 -8.86 16.22 -1.29
CA ALA A 10 -9.96 15.55 -0.61
C ALA A 10 -11.28 16.24 -0.88
N MET A 11 -12.35 15.46 -0.83
CA MET A 11 -13.72 15.92 -0.96
C MET A 11 -14.03 17.02 0.04
N PRO A 12 -14.38 18.23 -0.39
CA PRO A 12 -14.76 19.25 0.59
C PRO A 12 -16.09 18.95 1.27
N ASN A 13 -16.14 19.32 2.54
CA ASN A 13 -17.25 18.98 3.41
C ASN A 13 -18.59 19.42 2.83
N LEU A 14 -18.61 20.52 2.06
CA LEU A 14 -19.88 21.02 1.55
C LEU A 14 -20.50 20.07 0.51
N TYR A 15 -19.65 19.40 -0.28
CA TYR A 15 -20.13 18.34 -1.17
C TYR A 15 -20.66 17.14 -0.39
N LYS A 16 -20.03 16.79 0.71
CA LYS A 16 -20.54 15.69 1.52
C LYS A 16 -21.95 16.00 2.01
N MET A 17 -22.24 17.28 2.24
CA MET A 17 -23.52 17.65 2.81
C MET A 17 -24.67 17.68 1.83
N GLN A 18 -24.39 17.50 0.55
CA GLN A 18 -25.41 17.63 -0.48
C GLN A 18 -26.31 16.39 -0.49
N ARG A 19 -27.38 16.48 -1.30
N ARG A 19 -27.36 16.46 -1.32
CA ARG A 19 -28.25 15.36 -1.63
CA ARG A 19 -28.24 15.34 -1.63
C ARG A 19 -28.37 15.27 -3.16
C ARG A 19 -28.38 15.26 -3.16
N MET A 20 -27.23 15.18 -3.82
CA MET A 20 -27.15 15.04 -5.26
C MET A 20 -27.68 13.67 -5.67
N LEU A 21 -27.93 13.55 -6.98
CA LEU A 21 -28.30 12.28 -7.58
C LEU A 21 -27.18 11.80 -8.51
N LEU A 22 -27.13 10.49 -8.70
CA LEU A 22 -26.00 9.91 -9.39
C LEU A 22 -26.03 10.25 -10.87
N GLU A 23 -25.03 10.98 -11.35
CA GLU A 23 -24.82 11.17 -12.78
C GLU A 23 -23.67 10.29 -13.24
N LYS A 24 -23.60 10.11 -14.57
CA LYS A 24 -22.39 9.59 -15.17
C LYS A 24 -21.23 10.53 -14.81
N CYS A 25 -20.05 9.98 -14.73
CA CYS A 25 -18.87 10.78 -14.40
C CYS A 25 -18.15 11.10 -15.69
N ASP A 26 -17.87 12.39 -15.90
CA ASP A 26 -17.21 12.84 -17.13
C ASP A 26 -16.23 13.94 -16.76
N LEU A 27 -14.94 13.60 -16.84
CA LEU A 27 -13.87 14.48 -16.39
C LEU A 27 -13.16 15.08 -17.58
N GLN A 28 -12.88 16.37 -17.52
CA GLN A 28 -12.19 17.06 -18.63
C GLN A 28 -10.92 16.31 -19.07
N ASN A 29 -10.09 15.91 -18.11
CA ASN A 29 -8.77 15.40 -18.43
C ASN A 29 -8.75 13.88 -18.50
N TYR A 30 -9.93 13.25 -18.65
CA TYR A 30 -9.98 11.79 -18.59
C TYR A 30 -9.02 11.19 -19.63
N GLY A 31 -8.12 10.33 -19.17
CA GLY A 31 -7.15 9.71 -20.05
C GLY A 31 -5.82 10.42 -20.14
N ASP A 32 -5.77 11.67 -19.70
CA ASP A 32 -4.48 12.31 -19.45
C ASP A 32 -3.67 11.48 -18.45
N SER A 33 -2.34 11.56 -18.57
CA SER A 33 -1.42 10.83 -17.71
C SER A 33 -0.39 11.81 -17.16
N ALA A 34 -0.14 11.73 -15.86
CA ALA A 34 0.88 12.56 -15.25
C ALA A 34 2.26 12.20 -15.79
N THR A 35 3.12 13.20 -15.99
CA THR A 35 4.53 12.90 -16.19
C THR A 35 5.13 12.45 -14.87
N LEU A 36 5.77 11.30 -14.87
CA LEU A 36 6.33 10.83 -13.59
C LEU A 36 7.85 10.96 -13.55
N PRO A 37 8.42 11.05 -12.34
CA PRO A 37 9.89 11.03 -12.20
C PRO A 37 10.47 9.77 -12.85
N LYS A 38 11.63 9.94 -13.48
N LYS A 38 11.63 9.94 -13.48
CA LYS A 38 12.25 8.86 -14.24
CA LYS A 38 12.26 8.86 -14.24
C LYS A 38 12.25 7.55 -13.46
C LYS A 38 12.25 7.55 -13.46
N GLY A 39 11.77 6.50 -14.12
CA GLY A 39 11.85 5.15 -13.60
C GLY A 39 10.86 4.83 -12.51
N ILE A 40 9.98 5.77 -12.17
CA ILE A 40 9.02 5.58 -11.11
C ILE A 40 7.68 5.08 -11.66
N MET A 41 7.20 3.98 -11.09
CA MET A 41 5.92 3.37 -11.44
C MET A 41 4.76 4.23 -10.99
N MET A 42 3.66 4.18 -11.75
CA MET A 42 2.41 4.83 -11.33
C MET A 42 2.06 4.43 -9.89
N ASN A 43 2.07 3.13 -9.59
CA ASN A 43 1.52 2.71 -8.30
C ASN A 43 2.43 3.14 -7.17
N VAL A 44 3.72 3.36 -7.43
CA VAL A 44 4.58 3.92 -6.39
C VAL A 44 4.18 5.36 -6.14
N ALA A 45 4.05 6.13 -7.21
CA ALA A 45 3.63 7.53 -7.08
C ALA A 45 2.27 7.63 -6.40
N LYS A 46 1.34 6.78 -6.82
CA LYS A 46 0.01 6.79 -6.22
C LYS A 46 0.10 6.56 -4.73
N TYR A 47 0.69 5.43 -4.34
CA TYR A 47 0.74 5.07 -2.93
C TYR A 47 1.55 6.07 -2.11
N THR A 48 2.58 6.67 -2.73
CA THR A 48 3.37 7.68 -2.03
C THR A 48 2.52 8.88 -1.65
N GLN A 49 1.75 9.39 -2.63
CA GLN A 49 0.87 10.52 -2.38
C GLN A 49 -0.25 10.15 -1.42
N LEU A 50 -0.69 8.90 -1.44
CA LEU A 50 -1.71 8.51 -0.48
C LEU A 50 -1.13 8.55 0.91
N CYS A 51 0.08 8.03 1.08
CA CYS A 51 0.72 8.10 2.38
C CYS A 51 1.00 9.55 2.76
N GLN A 52 1.48 10.36 1.80
CA GLN A 52 1.73 11.76 2.14
C GLN A 52 0.47 12.43 2.68
N TYR A 53 -0.68 12.09 2.09
CA TYR A 53 -1.93 12.70 2.54
C TYR A 53 -2.28 12.19 3.92
N LEU A 54 -1.98 10.93 4.17
CA LEU A 54 -2.28 10.32 5.44
C LEU A 54 -1.40 10.88 6.56
N ASN A 55 -0.19 11.38 6.24
CA ASN A 55 0.64 12.07 7.23
C ASN A 55 -0.07 13.26 7.83
N THR A 56 -1.13 13.76 7.19
CA THR A 56 -1.85 14.95 7.66
C THR A 56 -3.02 14.61 8.56
N LEU A 57 -3.25 13.35 8.86
CA LEU A 57 -4.39 12.98 9.68
C LEU A 57 -3.93 12.46 11.05
N THR A 58 -4.93 12.20 11.90
CA THR A 58 -4.73 11.70 13.26
C THR A 58 -4.74 10.16 13.30
N LEU A 59 -3.84 9.59 12.49
CA LEU A 59 -3.65 8.14 12.54
C LEU A 59 -3.04 7.72 13.88
N ALA A 60 -3.57 6.63 14.44
CA ALA A 60 -2.91 5.93 15.53
C ALA A 60 -1.69 5.18 15.02
N VAL A 61 -0.58 5.33 15.72
CA VAL A 61 0.65 4.65 15.32
C VAL A 61 1.29 3.98 16.53
N PRO A 62 0.79 2.83 16.96
CA PRO A 62 1.36 2.16 18.11
C PRO A 62 2.67 1.43 17.80
N TYR A 63 3.37 1.06 18.86
CA TYR A 63 4.43 0.06 18.73
C TYR A 63 3.80 -1.24 18.22
N ASN A 64 4.58 -1.97 17.42
CA ASN A 64 4.14 -3.24 16.87
C ASN A 64 2.81 -3.07 16.13
N MET A 65 2.77 -2.02 15.32
CA MET A 65 1.62 -1.72 14.51
C MET A 65 1.31 -2.86 13.55
N ARG A 66 0.03 -3.16 13.41
CA ARG A 66 -0.46 -4.16 12.48
C ARG A 66 -1.16 -3.51 11.28
N VAL A 67 -0.55 -3.63 10.10
CA VAL A 67 -1.15 -3.18 8.87
C VAL A 67 -1.48 -4.34 7.94
N ILE A 68 -2.62 -4.27 7.26
CA ILE A 68 -3.00 -5.28 6.26
C ILE A 68 -3.48 -4.62 4.98
N HIS A 69 -2.98 -5.12 3.84
CA HIS A 69 -3.06 -4.52 2.52
C HIS A 69 -3.66 -5.54 1.54
N PHE A 70 -4.89 -5.29 1.12
CA PHE A 70 -5.55 -6.18 0.18
C PHE A 70 -5.46 -5.68 -1.25
N GLY A 71 -5.33 -6.65 -2.15
CA GLY A 71 -5.23 -6.31 -3.54
C GLY A 71 -3.87 -5.74 -3.85
N ALA A 72 -2.83 -6.29 -3.23
CA ALA A 72 -1.47 -5.76 -3.34
C ALA A 72 -0.73 -6.36 -4.50
N GLY A 73 -1.28 -7.38 -5.15
CA GLY A 73 -0.68 -7.90 -6.36
C GLY A 73 -0.81 -6.93 -7.53
N SER A 74 -0.18 -7.30 -8.63
CA SER A 74 -0.20 -6.48 -9.83
C SER A 74 0.12 -7.39 -11.01
N ASP A 75 -0.19 -6.91 -12.21
CA ASP A 75 0.06 -7.71 -13.40
C ASP A 75 1.56 -7.86 -13.63
N LYS A 76 2.38 -7.24 -12.77
CA LYS A 76 3.84 -7.34 -12.90
C LYS A 76 4.44 -8.47 -12.06
N GLY A 77 3.68 -8.98 -11.11
CA GLY A 77 4.15 -10.02 -10.22
C GLY A 77 4.86 -9.50 -8.98
N VAL A 78 4.74 -8.21 -8.70
CA VAL A 78 5.39 -7.59 -7.56
C VAL A 78 4.35 -6.71 -6.87
N ALA A 79 4.71 -6.20 -5.71
CA ALA A 79 3.79 -5.38 -4.92
C ALA A 79 4.32 -3.97 -4.75
N PRO A 80 4.28 -3.14 -5.77
CA PRO A 80 4.76 -1.76 -5.60
C PRO A 80 4.15 -1.07 -4.40
N GLY A 81 2.84 -1.16 -4.17
CA GLY A 81 2.26 -0.42 -3.06
C GLY A 81 2.69 -0.93 -1.70
N THR A 82 2.98 -2.24 -1.58
CA THR A 82 3.45 -2.76 -0.32
C THR A 82 4.82 -2.16 0.02
N ALA A 83 5.72 -2.13 -0.96
CA ALA A 83 6.99 -1.43 -0.84
C ALA A 83 6.82 -0.02 -0.32
N VAL A 84 5.88 0.76 -0.84
CA VAL A 84 5.71 2.11 -0.31
C VAL A 84 5.19 2.08 1.11
N LEU A 85 4.23 1.20 1.40
CA LEU A 85 3.68 1.19 2.75
C LEU A 85 4.74 0.84 3.79
N ARG A 86 5.64 -0.08 3.46
CA ARG A 86 6.68 -0.50 4.39
C ARG A 86 7.68 0.63 4.59
N GLN A 87 8.08 1.28 3.50
CA GLN A 87 8.90 2.48 3.64
C GLN A 87 8.22 3.48 4.56
N TRP A 88 6.97 3.80 4.27
CA TRP A 88 6.20 4.76 5.07
C TRP A 88 6.13 4.34 6.52
N LEU A 89 5.79 3.08 6.76
CA LEU A 89 5.49 2.62 8.10
C LEU A 89 6.78 2.50 8.92
N PRO A 90 6.66 2.70 10.23
CA PRO A 90 7.78 2.46 11.13
C PRO A 90 8.43 1.11 10.87
N THR A 91 9.74 1.09 10.92
CA THR A 91 10.44 -0.19 10.89
C THR A 91 9.91 -1.12 11.97
N GLY A 92 9.67 -2.37 11.57
CA GLY A 92 9.11 -3.37 12.47
C GLY A 92 7.60 -3.45 12.47
N THR A 93 6.92 -2.58 11.73
CA THR A 93 5.48 -2.67 11.58
C THR A 93 5.13 -4.00 10.91
N LEU A 94 4.26 -4.75 11.57
CA LEU A 94 3.76 -5.99 10.97
C LEU A 94 2.90 -5.64 9.74
N LEU A 95 3.21 -6.25 8.60
CA LEU A 95 2.58 -5.90 7.33
C LEU A 95 2.20 -7.18 6.63
N VAL A 96 0.91 -7.48 6.62
CA VAL A 96 0.38 -8.57 5.80
C VAL A 96 -0.27 -7.99 4.56
N ASP A 97 -0.02 -8.62 3.41
CA ASP A 97 -0.72 -8.25 2.18
C ASP A 97 -1.31 -9.51 1.51
N SER A 98 -2.14 -9.27 0.49
CA SER A 98 -2.91 -10.35 -0.14
C SER A 98 -3.38 -9.90 -1.51
N ASP A 99 -3.57 -10.89 -2.40
CA ASP A 99 -4.13 -10.66 -3.71
C ASP A 99 -4.61 -12.00 -4.26
N LEU A 100 -5.57 -11.94 -5.18
CA LEU A 100 -6.06 -13.16 -5.82
C LEU A 100 -5.00 -13.86 -6.66
N ASN A 101 -4.08 -13.11 -7.24
CA ASN A 101 -3.02 -13.68 -8.06
C ASN A 101 -1.66 -13.63 -7.38
N ASP A 102 -0.86 -14.65 -7.67
CA ASP A 102 0.49 -14.83 -7.14
C ASP A 102 1.35 -13.62 -7.48
N PHE A 103 2.09 -13.14 -6.49
CA PHE A 103 3.06 -12.05 -6.58
C PHE A 103 4.10 -12.14 -5.46
N VAL A 104 5.30 -11.58 -5.67
CA VAL A 104 6.30 -11.54 -4.59
C VAL A 104 6.27 -10.19 -3.89
N SER A 105 6.40 -10.22 -2.59
CA SER A 105 6.10 -9.05 -1.78
C SER A 105 7.17 -8.85 -0.71
N ASP A 106 7.30 -7.60 -0.30
CA ASP A 106 8.07 -7.23 0.89
C ASP A 106 7.25 -7.34 2.16
N ALA A 107 6.02 -7.82 2.12
CA ALA A 107 5.21 -7.94 3.34
C ALA A 107 5.77 -9.06 4.24
N ASP A 108 5.50 -8.93 5.53
CA ASP A 108 5.98 -9.98 6.43
C ASP A 108 5.32 -11.31 6.09
N SER A 109 4.05 -11.28 5.70
CA SER A 109 3.41 -12.46 5.16
C SER A 109 2.48 -12.04 4.02
N THR A 110 2.32 -12.93 3.04
CA THR A 110 1.46 -12.75 1.87
C THR A 110 0.54 -13.97 1.68
N LEU A 111 -0.75 -13.73 1.60
CA LEU A 111 -1.71 -14.77 1.26
C LEU A 111 -2.25 -14.57 -0.16
N ILE A 112 -2.27 -15.63 -0.94
CA ILE A 112 -2.85 -15.61 -2.27
C ILE A 112 -4.24 -16.24 -2.24
N GLY A 113 -5.17 -15.59 -2.98
CA GLY A 113 -6.53 -16.07 -3.09
C GLY A 113 -7.57 -15.01 -2.93
N ASP A 114 -8.80 -15.28 -3.35
CA ASP A 114 -9.88 -14.38 -3.02
C ASP A 114 -9.80 -13.98 -1.56
N CYS A 115 -9.84 -12.68 -1.32
CA CYS A 115 -9.83 -12.16 0.04
C CYS A 115 -10.83 -12.82 0.97
N ALA A 116 -11.86 -13.45 0.47
CA ALA A 116 -12.83 -14.05 1.39
C ALA A 116 -12.30 -15.34 1.99
N THR A 117 -11.29 -15.94 1.39
CA THR A 117 -10.58 -17.02 2.04
C THR A 117 -9.60 -16.54 3.13
N VAL A 118 -9.45 -15.24 3.37
CA VAL A 118 -8.48 -14.74 4.33
C VAL A 118 -9.13 -14.62 5.70
N HIS A 119 -8.44 -15.16 6.72
CA HIS A 119 -8.93 -15.19 8.08
C HIS A 119 -7.82 -14.80 9.04
N THR A 120 -8.20 -14.15 10.15
CA THR A 120 -7.26 -13.78 11.20
C THR A 120 -8.01 -13.72 12.53
N ALA A 121 -7.38 -14.19 13.61
CA ALA A 121 -7.98 -13.98 14.93
C ALA A 121 -7.92 -12.50 15.32
N ASN A 122 -6.92 -11.80 14.81
CA ASN A 122 -6.49 -10.51 15.30
C ASN A 122 -7.19 -9.31 14.66
N LYS A 123 -7.29 -8.25 15.44
CA LYS A 123 -7.70 -6.93 15.01
C LYS A 123 -6.48 -6.19 14.48
N TRP A 124 -6.75 -5.19 13.64
CA TRP A 124 -5.71 -4.47 12.91
C TRP A 124 -5.84 -2.98 13.12
N ASP A 125 -4.73 -2.29 12.92
CA ASP A 125 -4.63 -0.87 13.17
C ASP A 125 -4.86 -0.06 11.91
N LEU A 126 -4.62 -0.65 10.75
CA LEU A 126 -4.69 0.03 9.47
C LEU A 126 -4.94 -0.99 8.38
N ILE A 127 -5.99 -0.74 7.57
CA ILE A 127 -6.40 -1.59 6.44
C ILE A 127 -6.30 -0.76 5.17
N ILE A 128 -5.57 -1.28 4.19
CA ILE A 128 -5.44 -0.67 2.85
C ILE A 128 -5.98 -1.67 1.82
N SER A 129 -6.90 -1.20 0.98
CA SER A 129 -7.41 -1.98 -0.15
C SER A 129 -7.29 -1.22 -1.46
N ASP A 130 -6.57 -1.80 -2.41
CA ASP A 130 -6.48 -1.36 -3.80
C ASP A 130 -7.20 -2.37 -4.70
N MET A 131 -8.11 -3.16 -4.13
CA MET A 131 -8.81 -4.20 -4.85
C MET A 131 -9.75 -3.57 -5.88
N TYR A 132 -9.74 -4.14 -7.08
CA TYR A 132 -10.56 -3.65 -8.19
C TYR A 132 -10.77 -4.79 -9.20
N ASP A 133 -12.05 -5.03 -9.52
CA ASP A 133 -12.42 -6.09 -10.45
C ASP A 133 -12.43 -5.55 -11.87
N PRO A 134 -11.62 -6.09 -12.77
CA PRO A 134 -11.51 -5.46 -14.09
C PRO A 134 -12.78 -5.63 -14.89
N LYS A 135 -13.61 -6.61 -14.53
CA LYS A 135 -14.93 -6.75 -15.12
C LYS A 135 -15.81 -5.54 -14.83
N THR A 136 -15.50 -4.77 -13.79
CA THR A 136 -16.19 -3.52 -13.56
C THR A 136 -16.17 -2.65 -14.82
N LYS A 137 -15.19 -2.86 -15.69
CA LYS A 137 -15.13 -2.05 -16.92
C LYS A 137 -16.29 -2.34 -17.87
N ASN A 138 -16.93 -3.52 -17.75
CA ASN A 138 -18.05 -3.95 -18.60
C ASN A 138 -19.35 -3.41 -18.07
N VAL A 139 -19.57 -2.11 -18.32
CA VAL A 139 -20.76 -1.42 -17.81
C VAL A 139 -21.92 -1.74 -18.75
N THR A 140 -22.94 -2.40 -18.22
CA THR A 140 -24.06 -2.85 -19.02
C THR A 140 -25.38 -2.48 -18.35
N LYS A 141 -25.38 -1.46 -17.48
CA LYS A 141 -26.59 -1.08 -16.74
C LYS A 141 -26.37 0.10 -15.81
N GLU A 142 -27.45 0.57 -15.17
CA GLU A 142 -27.32 1.56 -14.12
C GLU A 142 -26.17 1.18 -13.19
N ASN A 143 -25.51 2.20 -12.65
CA ASN A 143 -24.33 2.01 -11.78
C ASN A 143 -24.84 1.79 -10.35
N ASP A 144 -25.04 0.51 -9.97
CA ASP A 144 -25.48 0.21 -8.62
C ASP A 144 -24.31 -0.12 -7.67
N SER A 145 -24.59 -0.07 -6.37
CA SER A 145 -23.61 -0.50 -5.38
C SER A 145 -23.18 -1.92 -5.75
N LYS A 146 -21.88 -2.14 -5.71
CA LYS A 146 -21.27 -3.43 -6.00
C LYS A 146 -21.01 -4.21 -4.72
N GLU A 147 -21.16 -5.52 -4.81
CA GLU A 147 -20.90 -6.40 -3.68
C GLU A 147 -19.53 -7.02 -3.89
N GLY A 148 -19.47 -8.33 -3.96
CA GLY A 148 -18.18 -8.97 -4.17
C GLY A 148 -17.23 -8.66 -3.03
N PHE A 149 -16.02 -8.27 -3.39
CA PHE A 149 -15.01 -8.02 -2.37
C PHE A 149 -15.40 -6.87 -1.45
N PHE A 150 -16.26 -5.95 -1.87
CA PHE A 150 -16.67 -4.90 -0.95
C PHE A 150 -17.49 -5.48 0.18
N THR A 151 -18.05 -6.67 -0.01
CA THR A 151 -18.77 -7.29 1.09
C THR A 151 -17.81 -7.79 2.16
N TYR A 152 -16.71 -8.43 1.73
CA TYR A 152 -15.72 -8.93 2.65
C TYR A 152 -15.14 -7.76 3.43
N ILE A 153 -14.78 -6.70 2.71
CA ILE A 153 -14.14 -5.53 3.32
C ILE A 153 -15.02 -4.92 4.39
N CYS A 154 -16.28 -4.67 4.08
CA CYS A 154 -17.17 -4.12 5.10
C CYS A 154 -17.23 -5.04 6.32
N GLY A 155 -17.08 -6.36 6.14
CA GLY A 155 -17.15 -7.28 7.26
C GLY A 155 -15.87 -7.26 8.06
N PHE A 156 -14.77 -7.28 7.32
CA PHE A 156 -13.47 -7.21 7.94
C PHE A 156 -13.37 -5.98 8.83
N ILE A 157 -13.83 -4.84 8.35
CA ILE A 157 -13.73 -3.62 9.17
C ILE A 157 -14.56 -3.74 10.45
N GLN A 158 -15.79 -4.22 10.33
CA GLN A 158 -16.62 -4.30 11.51
C GLN A 158 -16.13 -5.34 12.49
N GLN A 159 -15.39 -6.36 12.02
CA GLN A 159 -14.99 -7.49 12.85
C GLN A 159 -13.53 -7.43 13.32
N LYS A 160 -12.66 -6.84 12.51
CA LYS A 160 -11.23 -7.01 12.67
C LYS A 160 -10.48 -5.69 12.68
N LEU A 161 -11.17 -4.55 12.76
CA LEU A 161 -10.50 -3.27 12.85
C LEU A 161 -10.49 -2.80 14.30
N ALA A 162 -9.30 -2.55 14.83
CA ALA A 162 -9.23 -2.03 16.19
C ALA A 162 -9.88 -0.65 16.26
N LEU A 163 -10.57 -0.36 17.35
CA LEU A 163 -10.98 1.01 17.61
C LEU A 163 -9.78 1.95 17.56
N GLY A 164 -9.97 3.13 16.95
CA GLY A 164 -8.89 4.06 16.69
C GLY A 164 -8.11 3.79 15.41
N GLY A 165 -8.24 2.57 14.87
CA GLY A 165 -7.73 2.24 13.57
C GLY A 165 -8.36 3.05 12.44
N SER A 166 -7.71 2.93 11.29
CA SER A 166 -8.02 3.69 10.10
C SER A 166 -8.01 2.77 8.90
N VAL A 167 -8.73 3.21 7.85
CA VAL A 167 -8.82 2.47 6.58
C VAL A 167 -8.67 3.42 5.38
N ALA A 168 -8.14 2.89 4.30
CA ALA A 168 -8.11 3.56 3.01
C ALA A 168 -8.49 2.52 1.96
N ILE A 169 -9.61 2.74 1.26
CA ILE A 169 -10.23 1.71 0.40
C ILE A 169 -10.47 2.30 -0.98
N LYS A 170 -9.84 1.72 -2.02
CA LYS A 170 -9.91 2.33 -3.36
C LYS A 170 -11.27 2.13 -3.94
N ILE A 171 -11.84 3.21 -4.50
CA ILE A 171 -13.05 3.13 -5.28
C ILE A 171 -12.83 3.89 -6.56
N THR A 172 -13.83 3.78 -7.44
CA THR A 172 -13.91 4.50 -8.70
C THR A 172 -15.39 4.78 -8.94
N GLU A 173 -15.69 5.45 -10.07
CA GLU A 173 -17.08 5.71 -10.44
C GLU A 173 -17.92 4.44 -10.30
N HIS A 174 -17.49 3.36 -10.95
CA HIS A 174 -18.27 2.13 -10.93
C HIS A 174 -17.82 1.09 -9.89
N SER A 175 -16.61 1.19 -9.33
CA SER A 175 -16.15 0.26 -8.27
C SER A 175 -16.37 0.92 -6.92
N TRP A 176 -17.53 0.66 -6.32
CA TRP A 176 -17.96 1.36 -5.09
C TRP A 176 -19.05 0.52 -4.42
N ASN A 177 -19.48 0.94 -3.23
CA ASN A 177 -20.36 0.11 -2.41
C ASN A 177 -21.04 0.98 -1.36
N ALA A 178 -22.36 0.79 -1.22
CA ALA A 178 -23.12 1.74 -0.43
C ALA A 178 -22.80 1.61 1.02
N ASP A 179 -22.59 0.39 1.51
CA ASP A 179 -22.38 0.20 2.95
C ASP A 179 -21.01 0.67 3.43
N LEU A 180 -19.99 0.54 2.57
CA LEU A 180 -18.70 1.13 2.86
C LEU A 180 -18.82 2.62 3.17
N TYR A 181 -19.61 3.35 2.39
CA TYR A 181 -19.87 4.75 2.68
C TYR A 181 -20.57 4.86 4.03
N LYS A 182 -21.63 4.08 4.25
CA LYS A 182 -22.33 4.16 5.52
C LYS A 182 -21.35 3.94 6.67
N LEU A 183 -20.42 3.00 6.50
CA LEU A 183 -19.43 2.67 7.52
C LEU A 183 -18.42 3.79 7.68
N MET A 184 -18.19 4.61 6.66
CA MET A 184 -17.31 5.76 6.80
C MET A 184 -17.78 6.62 7.97
N GLY A 185 -19.07 6.65 8.23
CA GLY A 185 -19.63 7.38 9.35
C GLY A 185 -19.45 6.72 10.69
N HIS A 186 -18.77 5.59 10.75
CA HIS A 186 -18.45 4.97 12.03
C HIS A 186 -17.05 5.33 12.48
N PHE A 187 -16.40 6.24 11.76
CA PHE A 187 -15.09 6.81 12.05
C PHE A 187 -15.25 8.23 12.56
N ALA A 188 -14.22 8.71 13.28
CA ALA A 188 -14.26 10.09 13.79
C ALA A 188 -14.28 11.09 12.64
N TRP A 189 -13.77 10.71 11.49
CA TRP A 189 -13.69 11.57 10.33
C TRP A 189 -13.47 10.67 9.12
N TRP A 190 -13.90 11.16 7.96
CA TRP A 190 -13.83 10.39 6.72
C TRP A 190 -13.62 11.39 5.59
N THR A 191 -13.09 10.91 4.47
CA THR A 191 -13.12 11.68 3.24
C THR A 191 -12.96 10.73 2.05
N ALA A 192 -13.01 11.32 0.85
CA ALA A 192 -12.59 10.68 -0.39
C ALA A 192 -11.41 11.48 -0.91
N PHE A 193 -10.27 10.81 -1.08
CA PHE A 193 -9.01 11.47 -1.42
C PHE A 193 -8.55 11.02 -2.81
N VAL A 194 -8.25 11.98 -3.66
CA VAL A 194 -7.87 11.73 -5.04
C VAL A 194 -6.41 12.09 -5.16
N THR A 195 -5.59 11.13 -5.54
CA THR A 195 -4.18 11.44 -5.73
C THR A 195 -4.01 12.34 -6.92
N ASN A 196 -3.04 13.27 -6.82
CA ASN A 196 -2.80 14.22 -7.90
C ASN A 196 -2.20 13.55 -9.12
N VAL A 197 -1.57 12.39 -8.97
CA VAL A 197 -0.99 11.76 -10.15
C VAL A 197 -2.01 10.94 -10.92
N ASN A 198 -3.21 10.69 -10.35
CA ASN A 198 -4.31 9.97 -10.99
C ASN A 198 -5.56 10.83 -10.98
N ALA A 199 -5.35 12.13 -11.09
CA ALA A 199 -6.40 13.11 -11.02
C ALA A 199 -7.35 13.02 -12.21
N SER A 200 -6.93 12.45 -13.33
CA SER A 200 -7.76 12.17 -14.49
C SER A 200 -8.55 10.87 -14.33
N SER A 201 -8.53 10.30 -13.14
CA SER A 201 -9.35 9.12 -12.88
C SER A 201 -10.46 9.45 -11.91
N SER A 202 -11.54 8.67 -11.98
CA SER A 202 -12.57 8.70 -10.95
C SER A 202 -12.11 7.97 -9.70
N GLU A 203 -10.97 7.28 -9.75
CA GLU A 203 -10.39 6.70 -8.54
C GLU A 203 -10.37 7.68 -7.39
N ALA A 204 -10.79 7.20 -6.23
CA ALA A 204 -10.47 7.81 -4.95
C ALA A 204 -10.19 6.72 -3.92
N PHE A 205 -9.58 7.10 -2.79
CA PHE A 205 -9.46 6.23 -1.63
C PHE A 205 -10.44 6.74 -0.58
N LEU A 206 -11.41 5.90 -0.22
CA LEU A 206 -12.30 6.24 0.88
C LEU A 206 -11.54 6.01 2.18
N ILE A 207 -11.34 7.08 2.95
CA ILE A 207 -10.46 7.04 4.12
C ILE A 207 -11.34 7.23 5.34
N GLY A 208 -11.30 6.26 6.24
CA GLY A 208 -11.93 6.36 7.54
C GLY A 208 -10.85 6.58 8.58
N CYS A 209 -10.99 7.64 9.37
CA CYS A 209 -9.99 8.05 10.35
C CYS A 209 -10.48 7.78 11.77
N ASN A 210 -9.81 6.83 12.45
CA ASN A 210 -10.11 6.47 13.83
C ASN A 210 -11.46 5.79 14.02
N TYR A 211 -11.46 4.47 13.97
CA TYR A 211 -12.70 3.69 14.02
C TYR A 211 -13.34 3.83 15.39
N LEU A 212 -14.66 3.98 15.44
CA LEU A 212 -15.35 4.11 16.71
C LEU A 212 -16.32 2.98 17.00
N GLY A 213 -16.41 1.99 16.10
CA GLY A 213 -17.23 0.80 16.32
C GLY A 213 -18.72 1.05 16.42
N LYS A 214 -19.16 2.25 16.08
CA LYS A 214 -20.55 2.65 16.17
C LYS A 214 -20.72 3.88 15.31
N PRO A 215 -21.93 4.15 14.82
CA PRO A 215 -22.12 5.27 13.90
C PRO A 215 -22.04 6.62 14.62
N ARG A 216 -21.12 7.46 14.18
CA ARG A 216 -21.11 8.84 14.65
C ARG A 216 -22.16 9.66 13.90
N GLU A 217 -22.31 9.41 12.59
CA GLU A 217 -23.30 10.06 11.73
C GLU A 217 -23.87 9.03 10.77
N GLN A 218 -25.16 9.18 10.45
CA GLN A 218 -25.78 8.28 9.48
C GLN A 218 -25.53 8.83 8.09
N ILE A 219 -25.07 7.97 7.21
CA ILE A 219 -24.70 8.35 5.86
C ILE A 219 -25.46 7.43 4.96
N ASP A 220 -26.25 8.00 4.04
CA ASP A 220 -26.79 7.24 2.93
C ASP A 220 -25.68 7.05 1.89
N GLY A 221 -25.32 5.80 1.65
CA GLY A 221 -24.16 5.53 0.80
C GLY A 221 -24.46 5.76 -0.67
N TYR A 222 -25.70 5.47 -1.07
CA TYR A 222 -26.12 5.82 -2.43
C TYR A 222 -26.03 7.33 -2.67
N VAL A 223 -26.54 8.13 -1.73
CA VAL A 223 -26.47 9.58 -1.87
C VAL A 223 -25.02 10.06 -1.91
N MET A 224 -24.15 9.56 -1.01
CA MET A 224 -22.81 10.12 -0.92
C MET A 224 -21.94 9.76 -2.13
N HIS A 225 -22.13 8.56 -2.72
CA HIS A 225 -21.37 8.29 -3.95
C HIS A 225 -21.75 9.30 -5.04
N ALA A 226 -23.05 9.67 -5.11
CA ALA A 226 -23.49 10.70 -6.04
C ALA A 226 -22.86 12.05 -5.70
N ASN A 227 -22.86 12.41 -4.41
CA ASN A 227 -22.15 13.61 -3.98
C ASN A 227 -20.69 13.60 -4.43
N TYR A 228 -20.05 12.42 -4.36
CA TYR A 228 -18.64 12.30 -4.75
C TYR A 228 -18.47 12.54 -6.26
N ILE A 229 -19.33 11.88 -7.07
CA ILE A 229 -19.34 12.10 -8.52
C ILE A 229 -19.67 13.56 -8.87
N PHE A 230 -20.64 14.14 -8.18
CA PHE A 230 -20.92 15.55 -8.39
C PHE A 230 -19.67 16.38 -8.22
N TRP A 231 -18.98 16.17 -7.08
CA TRP A 231 -17.75 16.88 -6.76
C TRP A 231 -16.72 16.72 -7.87
N ARG A 232 -16.41 15.46 -8.21
CA ARG A 232 -15.44 15.21 -9.28
C ARG A 232 -15.88 15.85 -10.58
N ASN A 233 -17.20 15.82 -10.89
CA ASN A 233 -17.67 16.30 -12.19
C ASN A 233 -17.55 17.80 -12.34
N THR A 234 -17.61 18.54 -11.23
CA THR A 234 -17.58 20.00 -11.28
C THR A 234 -16.26 20.58 -10.79
N ASN A 235 -15.27 19.75 -10.49
CA ASN A 235 -14.01 20.20 -9.91
C ASN A 235 -12.87 19.47 -10.59
N PRO A 236 -12.44 19.96 -11.75
CA PRO A 236 -11.32 19.32 -12.45
C PRO A 236 -10.05 19.51 -11.66
N ILE A 237 -9.24 18.47 -11.63
CA ILE A 237 -7.99 18.45 -10.87
C ILE A 237 -6.82 18.35 -11.84
N GLN A 238 -5.94 19.34 -11.81
CA GLN A 238 -4.74 19.27 -12.62
C GLN A 238 -3.88 18.08 -12.20
N LEU A 239 -3.54 17.25 -13.16
CA LEU A 239 -2.52 16.26 -12.90
C LEU A 239 -1.27 16.96 -12.37
N SER A 240 -0.69 16.35 -11.35
CA SER A 240 0.49 16.93 -10.73
C SER A 240 1.26 15.85 -10.01
N SER A 241 2.56 15.80 -10.25
CA SER A 241 3.46 14.94 -9.50
C SER A 241 4.46 15.75 -8.66
N TYR A 242 4.12 17.01 -8.34
CA TYR A 242 5.07 17.89 -7.65
C TYR A 242 5.49 17.30 -6.31
N SER A 243 4.52 16.82 -5.53
CA SER A 243 4.78 16.36 -4.19
C SER A 243 5.60 15.10 -4.12
N LEU A 244 5.86 14.45 -5.26
CA LEU A 244 6.70 13.27 -5.22
C LEU A 244 8.15 13.62 -4.98
N PHE A 245 8.52 14.88 -5.16
CA PHE A 245 9.93 15.22 -5.16
C PHE A 245 10.45 15.45 -3.76
N ASP A 246 9.58 15.83 -2.81
CA ASP A 246 10.04 16.11 -1.44
C ASP A 246 9.63 14.97 -0.54
N MET A 247 10.56 14.07 -0.28
CA MET A 247 10.37 12.92 0.59
C MET A 247 10.91 13.19 1.99
N SER A 248 11.30 14.43 2.29
CA SER A 248 11.98 14.69 3.54
C SER A 248 11.08 14.45 4.75
N LYS A 249 9.77 14.59 4.62
CA LYS A 249 8.86 14.42 5.76
C LYS A 249 7.95 13.21 5.59
N PHE A 250 8.35 12.26 4.70
CA PHE A 250 7.46 11.17 4.30
C PHE A 250 7.14 10.18 5.42
N PRO A 251 8.12 9.74 6.22
CA PRO A 251 7.88 8.61 7.15
C PRO A 251 6.77 8.89 8.14
N LEU A 252 5.96 7.87 8.38
CA LEU A 252 4.88 8.01 9.35
C LEU A 252 5.46 8.30 10.72
N LYS A 253 5.04 9.41 11.32
CA LYS A 253 5.42 9.74 12.68
C LYS A 253 5.19 8.55 13.60
N LEU A 254 6.21 8.22 14.41
CA LEU A 254 6.05 7.17 15.43
C LEU A 254 5.44 7.79 16.67
N ARG A 255 4.11 7.90 16.68
CA ARG A 255 3.42 8.48 17.83
C ARG A 255 3.51 7.61 19.10
N GLY A 256 4.03 6.37 19.00
CA GLY A 256 4.01 5.43 20.12
C GLY A 256 2.70 5.27 20.86
N THR A 257 1.60 5.38 20.12
CA THR A 257 0.23 5.36 20.62
C THR A 257 -0.04 4.18 21.55
N ALA A 258 -0.83 4.45 22.58
CA ALA A 258 -1.16 3.43 23.57
C ALA A 258 -2.14 2.42 22.99
N VAL A 259 -2.04 1.18 23.48
CA VAL A 259 -2.91 0.06 23.12
C VAL A 259 -3.44 -0.53 24.42
N MET A 260 -4.74 -0.78 24.46
CA MET A 260 -5.45 -1.22 25.65
C MET A 260 -6.48 -2.23 25.19
N SER A 261 -6.56 -3.35 25.90
CA SER A 261 -7.66 -4.29 25.72
C SER A 261 -8.81 -3.81 26.59
N LEU A 262 -9.96 -3.59 25.97
CA LEU A 262 -11.08 -3.02 26.71
C LEU A 262 -12.35 -3.76 26.34
N LYS A 263 -13.28 -3.76 27.30
CA LYS A 263 -14.64 -4.21 27.09
C LYS A 263 -15.46 -3.12 26.37
N GLU A 264 -16.65 -3.50 25.91
CA GLU A 264 -17.58 -2.50 25.40
C GLU A 264 -18.21 -1.66 26.50
N GLY A 265 -18.19 -2.14 27.74
CA GLY A 265 -18.65 -1.31 28.85
C GLY A 265 -17.68 -0.24 29.28
N GLN A 266 -16.41 -0.35 28.90
CA GLN A 266 -15.40 0.62 29.29
C GLN A 266 -15.29 1.79 28.31
N ILE A 267 -15.92 1.72 27.15
CA ILE A 267 -15.77 2.76 26.13
C ILE A 267 -16.70 3.92 26.46
N ASN A 268 -16.19 4.88 27.24
CA ASN A 268 -16.94 6.06 27.63
C ASN A 268 -16.59 7.21 26.69
N ASP A 269 -17.21 8.37 26.95
CA ASP A 269 -16.96 9.53 26.09
C ASP A 269 -15.54 10.03 26.20
N MET A 270 -14.86 9.79 27.34
CA MET A 270 -13.46 10.16 27.47
C MET A 270 -12.58 9.23 26.63
N ILE A 271 -12.81 7.93 26.74
CA ILE A 271 -12.12 6.97 25.89
C ILE A 271 -12.44 7.28 24.42
N LEU A 272 -13.71 7.52 24.11
CA LEU A 272 -14.09 7.83 22.74
C LEU A 272 -13.32 9.04 22.21
N SER A 273 -13.13 10.07 23.05
CA SER A 273 -12.44 11.26 22.59
C SER A 273 -10.96 10.99 22.29
N LEU A 274 -10.33 10.08 23.03
CA LEU A 274 -8.95 9.72 22.72
C LEU A 274 -8.84 8.93 21.42
N LEU A 275 -9.79 7.99 21.20
CA LEU A 275 -9.85 7.33 19.90
C LEU A 275 -9.87 8.36 18.80
N SER A 276 -10.77 9.32 18.91
CA SER A 276 -11.03 10.28 17.85
C SER A 276 -9.86 11.19 17.58
N LYS A 277 -8.92 11.29 18.53
CA LYS A 277 -7.74 12.13 18.41
C LYS A 277 -6.52 11.36 17.95
N GLY A 278 -6.66 10.06 17.67
CA GLY A 278 -5.52 9.27 17.27
C GLY A 278 -4.61 8.92 18.40
N ARG A 279 -5.05 9.12 19.65
N ARG A 279 -5.06 9.12 19.64
CA ARG A 279 -4.20 8.94 20.81
CA ARG A 279 -4.23 8.94 20.83
C ARG A 279 -4.40 7.59 21.49
C ARG A 279 -4.37 7.57 21.46
N LEU A 280 -5.30 6.75 20.98
CA LEU A 280 -5.56 5.44 21.57
C LEU A 280 -5.99 4.40 20.53
N ILE A 281 -5.46 3.19 20.70
CA ILE A 281 -5.90 1.99 19.99
C ILE A 281 -6.47 1.00 20.99
N ILE A 282 -7.56 0.32 20.61
CA ILE A 282 -8.18 -0.67 21.48
C ILE A 282 -8.33 -1.99 20.75
N ARG A 283 -7.69 -3.02 21.29
CA ARG A 283 -7.65 -4.37 20.75
C ARG A 283 -6.67 -5.23 21.57
N GLU A 284 -6.75 -6.56 21.44
CA GLU A 284 -5.76 -7.43 22.06
C GLU A 284 -4.39 -7.16 21.46
N ASN A 285 -3.34 -7.50 22.22
CA ASN A 285 -1.99 -7.42 21.66
C ASN A 285 -1.31 -8.78 21.63
N ASN A 286 -2.12 -9.82 21.48
CA ASN A 286 -1.62 -11.18 21.28
C ASN A 286 -0.80 -11.33 20.00
N ARG A 287 -0.25 -12.53 19.80
CA ARG A 287 0.50 -12.78 18.59
C ARG A 287 -0.46 -12.69 17.40
N VAL A 288 0.10 -12.40 16.25
CA VAL A 288 -0.68 -12.21 15.04
C VAL A 288 -0.61 -13.48 14.23
N VAL A 289 -1.76 -14.12 14.08
CA VAL A 289 -1.91 -15.32 13.26
C VAL A 289 -3.00 -15.10 12.23
N ILE A 290 -2.76 -15.62 11.02
CA ILE A 290 -3.62 -15.47 9.86
C ILE A 290 -3.66 -16.80 9.11
N SER A 291 -4.64 -16.95 8.22
CA SER A 291 -4.66 -18.17 7.43
C SER A 291 -5.49 -17.94 6.17
N SER A 292 -5.27 -18.81 5.19
CA SER A 292 -6.10 -18.86 3.99
C SER A 292 -6.78 -20.22 3.86
N ASP A 293 -8.10 -20.22 3.68
CA ASP A 293 -8.87 -21.45 3.53
C ASP A 293 -8.50 -22.12 2.21
N VAL A 294 -8.47 -23.45 2.21
CA VAL A 294 -8.05 -24.23 1.04
C VAL A 294 -9.10 -25.30 0.77
N LEU A 295 -9.67 -25.27 -0.45
CA LEU A 295 -10.61 -26.29 -0.88
C LEU A 295 -9.87 -27.51 -1.42
N VAL A 296 -10.27 -28.68 -0.93
CA VAL A 296 -9.63 -29.94 -1.27
C VAL A 296 -10.50 -30.67 -2.28
N ASN A 297 -9.86 -31.19 -3.33
CA ASN A 297 -10.56 -31.93 -4.37
C ASN A 297 -9.61 -32.91 -5.02
N ASN A 298 -10.13 -34.12 -5.23
CA ASN A 298 -9.54 -35.16 -6.07
C ASN A 298 -10.35 -35.24 -7.38
N GLU A 299 -9.73 -34.87 -8.50
CA GLU A 299 -10.43 -34.85 -9.79
C GLU A 299 -10.43 -36.22 -10.49
N ASN A 300 -9.40 -37.06 -10.26
CA ASN A 300 -9.28 -38.35 -10.94
C ASN A 300 -10.59 -39.15 -10.86
N LEU A 301 -10.95 -39.83 -11.96
CA LEU A 301 -12.30 -40.38 -12.18
C LEU A 301 -13.39 -39.27 -12.18
N ALA B 19 21.85 -34.94 -5.37
CA ALA B 19 23.14 -34.54 -5.92
C ALA B 19 22.98 -33.47 -7.00
N PHE B 20 21.72 -33.23 -7.40
CA PHE B 20 21.41 -32.28 -8.46
C PHE B 20 20.55 -31.15 -7.90
N ALA B 21 21.02 -29.92 -8.08
CA ALA B 21 20.20 -28.72 -7.99
C ALA B 21 20.53 -27.84 -9.19
N VAL B 22 19.78 -26.76 -9.33
CA VAL B 22 19.92 -25.87 -10.47
C VAL B 22 20.62 -24.59 -10.05
N ASP B 23 21.72 -24.26 -10.74
CA ASP B 23 22.40 -23.00 -10.53
C ASP B 23 21.57 -21.95 -11.26
N ALA B 24 20.59 -21.40 -10.53
CA ALA B 24 19.83 -20.28 -11.06
C ALA B 24 20.73 -19.07 -11.28
N ALA B 25 21.65 -18.80 -10.34
CA ALA B 25 22.54 -17.66 -10.48
C ALA B 25 23.31 -17.76 -11.78
N LYS B 26 23.95 -18.90 -12.03
CA LYS B 26 24.74 -19.01 -13.26
C LYS B 26 23.86 -18.76 -14.48
N ALA B 27 22.64 -19.30 -14.48
CA ALA B 27 21.79 -19.25 -15.68
C ALA B 27 21.49 -17.81 -16.10
N TYR B 28 21.09 -16.97 -15.14
CA TYR B 28 20.86 -15.56 -15.44
C TYR B 28 22.15 -14.85 -15.83
N LYS B 29 23.28 -15.22 -15.21
CA LYS B 29 24.56 -14.64 -15.58
C LYS B 29 24.92 -14.97 -17.02
N ASP B 30 24.54 -16.16 -17.50
CA ASP B 30 24.81 -16.53 -18.89
C ASP B 30 23.82 -15.87 -19.83
N TYR B 31 22.54 -15.84 -19.44
CA TYR B 31 21.52 -15.20 -20.28
C TYR B 31 21.81 -13.72 -20.45
N LEU B 32 22.32 -13.06 -19.41
CA LEU B 32 22.70 -11.66 -19.57
C LEU B 32 23.88 -11.53 -20.51
N ALA B 33 24.85 -12.45 -20.38
CA ALA B 33 26.06 -12.43 -21.18
C ALA B 33 25.76 -12.64 -22.65
N SER B 34 24.75 -13.47 -22.95
CA SER B 34 24.35 -13.73 -24.33
C SER B 34 23.65 -12.54 -24.96
N GLY B 35 23.26 -11.55 -24.15
CA GLY B 35 22.52 -10.40 -24.65
C GLY B 35 21.07 -10.31 -24.20
N GLY B 36 20.67 -11.11 -23.22
CA GLY B 36 19.29 -11.08 -22.77
C GLY B 36 18.94 -9.79 -22.05
N GLN B 37 17.67 -9.45 -22.09
CA GLN B 37 17.19 -8.21 -21.47
C GLN B 37 17.02 -8.42 -19.97
N PRO B 38 17.62 -7.56 -19.13
CA PRO B 38 17.59 -7.79 -17.69
C PRO B 38 16.18 -7.76 -17.11
N ILE B 39 16.02 -8.43 -15.96
CA ILE B 39 14.73 -8.50 -15.29
C ILE B 39 14.19 -7.11 -15.05
N THR B 40 12.95 -6.91 -15.48
CA THR B 40 12.27 -5.63 -15.41
C THR B 40 11.35 -5.62 -14.20
N ASN B 41 10.76 -4.46 -13.95
CA ASN B 41 9.70 -4.33 -12.97
C ASN B 41 10.22 -4.38 -11.55
N CYS B 42 11.51 -4.14 -11.37
CA CYS B 42 12.02 -3.89 -10.04
C CYS B 42 11.41 -2.58 -9.56
N VAL B 43 10.93 -2.58 -8.32
CA VAL B 43 10.18 -1.47 -7.76
C VAL B 43 11.15 -0.41 -7.24
N LYS B 44 11.24 0.73 -7.93
CA LYS B 44 12.07 1.84 -7.48
C LYS B 44 11.27 2.75 -6.55
N MET B 45 11.90 3.10 -5.41
CA MET B 45 11.27 3.96 -4.43
C MET B 45 11.54 5.44 -4.70
N LEU B 46 10.61 6.27 -4.27
CA LEU B 46 10.89 7.69 -4.10
C LEU B 46 11.58 7.94 -2.77
N CYS B 47 12.59 8.80 -2.79
CA CYS B 47 13.39 8.98 -1.58
C CYS B 47 14.19 10.26 -1.73
N THR B 48 14.83 10.67 -0.63
CA THR B 48 15.57 11.93 -0.57
C THR B 48 16.89 11.88 -1.31
N HIS B 49 17.49 10.69 -1.41
CA HIS B 49 18.79 10.51 -2.03
C HIS B 49 19.86 11.24 -1.28
N THR B 50 19.67 11.35 0.04
CA THR B 50 20.62 11.89 1.01
C THR B 50 20.80 10.91 2.17
N GLY B 51 20.80 9.60 1.87
CA GLY B 51 20.91 8.59 2.90
C GLY B 51 22.31 8.00 2.98
N THR B 52 22.43 6.95 3.80
CA THR B 52 23.74 6.41 4.17
C THR B 52 24.51 5.85 2.98
N GLY B 53 23.84 5.49 1.90
CA GLY B 53 24.54 4.79 0.83
C GLY B 53 24.77 3.31 1.07
N GLN B 54 24.31 2.77 2.21
CA GLN B 54 24.52 1.35 2.51
C GLN B 54 23.71 0.47 1.57
N ALA B 55 24.20 -0.77 1.37
CA ALA B 55 23.66 -1.66 0.35
C ALA B 55 22.23 -2.09 0.67
N ILE B 56 22.00 -2.72 1.82
CA ILE B 56 20.70 -3.30 2.13
C ILE B 56 20.24 -2.75 3.47
N THR B 57 19.00 -2.29 3.53
CA THR B 57 18.56 -1.46 4.64
C THR B 57 17.06 -1.60 4.84
N VAL B 58 16.58 -1.18 6.00
CA VAL B 58 15.18 -1.38 6.38
C VAL B 58 14.28 -0.28 5.83
N THR B 59 14.86 0.74 5.22
CA THR B 59 14.15 1.82 4.54
C THR B 59 15.12 2.42 3.53
N PRO B 60 14.62 3.09 2.51
CA PRO B 60 15.52 3.60 1.46
C PRO B 60 16.63 4.50 2.02
N GLU B 61 17.85 4.21 1.58
CA GLU B 61 19.04 4.93 2.05
C GLU B 61 19.90 5.33 0.87
N ALA B 62 19.29 5.62 -0.27
CA ALA B 62 20.05 6.04 -1.44
C ALA B 62 20.75 7.35 -1.15
N ASN B 63 22.00 7.46 -1.61
CA ASN B 63 22.67 8.74 -1.68
C ASN B 63 22.51 9.32 -3.08
N MET B 64 23.18 10.46 -3.35
CA MET B 64 23.01 11.16 -4.63
C MET B 64 23.35 10.27 -5.81
N ASP B 65 24.14 9.22 -5.60
CA ASP B 65 24.63 8.36 -6.66
C ASP B 65 23.91 7.01 -6.73
N GLN B 66 22.79 6.86 -6.04
CA GLN B 66 22.08 5.59 -6.02
C GLN B 66 20.58 5.76 -6.26
N GLU B 67 19.93 4.62 -6.48
CA GLU B 67 18.48 4.49 -6.44
C GLU B 67 18.16 3.45 -5.39
N SER B 68 17.02 3.58 -4.74
CA SER B 68 16.55 2.58 -3.79
C SER B 68 15.39 1.78 -4.37
N PHE B 69 15.48 0.46 -4.25
CA PHE B 69 14.43 -0.45 -4.73
C PHE B 69 13.93 -1.30 -3.56
N GLY B 70 12.69 -1.74 -3.64
CA GLY B 70 12.21 -2.77 -2.74
C GLY B 70 12.91 -4.09 -3.03
N GLY B 71 13.24 -4.80 -1.95
CA GLY B 71 14.22 -5.86 -2.06
C GLY B 71 13.67 -7.08 -2.77
N ALA B 72 12.49 -7.54 -2.37
CA ALA B 72 11.87 -8.68 -3.02
C ALA B 72 11.99 -8.56 -4.53
N SER B 73 11.63 -7.38 -5.07
CA SER B 73 11.57 -7.23 -6.53
C SER B 73 12.93 -7.29 -7.18
N CYS B 74 14.00 -7.26 -6.40
CA CYS B 74 15.34 -7.26 -6.97
C CYS B 74 16.05 -8.58 -6.78
N CYS B 75 15.47 -9.49 -6.03
CA CYS B 75 16.11 -10.75 -5.71
C CYS B 75 15.68 -11.82 -6.71
N LEU B 76 16.67 -12.46 -7.33
CA LEU B 76 16.38 -13.45 -8.36
C LEU B 76 15.54 -14.62 -7.83
N TYR B 77 15.82 -15.08 -6.63
CA TYR B 77 15.14 -16.25 -6.11
C TYR B 77 13.67 -15.96 -5.82
N CYS B 78 13.36 -14.78 -5.29
CA CYS B 78 11.95 -14.45 -5.12
C CYS B 78 11.22 -14.36 -6.45
N ARG B 79 11.85 -13.70 -7.43
CA ARG B 79 11.16 -13.38 -8.68
C ARG B 79 10.85 -14.63 -9.47
N CYS B 80 11.82 -15.56 -9.54
CA CYS B 80 11.69 -16.80 -10.28
C CYS B 80 11.02 -17.92 -9.50
N HIS B 81 10.54 -17.69 -8.27
CA HIS B 81 9.74 -18.67 -7.55
C HIS B 81 10.58 -19.90 -7.18
N ILE B 82 11.86 -19.72 -6.96
CA ILE B 82 12.78 -20.81 -6.69
C ILE B 82 13.32 -20.69 -5.29
N ASP B 83 13.84 -21.81 -4.78
CA ASP B 83 14.38 -21.86 -3.41
C ASP B 83 15.61 -20.96 -3.27
N HIS B 84 15.78 -20.39 -2.11
CA HIS B 84 16.92 -19.52 -1.89
C HIS B 84 18.18 -20.31 -1.50
N PRO B 85 19.37 -19.80 -1.86
CA PRO B 85 20.63 -20.53 -1.51
C PRO B 85 20.86 -20.76 -0.03
N ASN B 86 20.44 -19.85 0.85
CA ASN B 86 20.51 -20.10 2.28
C ASN B 86 20.08 -21.54 2.56
N PRO B 87 20.73 -22.23 3.51
CA PRO B 87 20.17 -23.51 3.95
C PRO B 87 18.84 -23.36 4.66
N LYS B 88 18.50 -22.16 5.11
CA LYS B 88 17.19 -21.87 5.68
C LYS B 88 16.19 -21.38 4.64
N GLY B 89 16.63 -21.09 3.42
CA GLY B 89 15.77 -20.43 2.47
C GLY B 89 15.52 -18.97 2.76
N PHE B 90 16.22 -18.39 3.74
CA PHE B 90 16.06 -16.98 4.11
C PHE B 90 16.44 -16.07 2.94
N CYS B 91 15.84 -14.88 2.91
CA CYS B 91 16.13 -13.92 1.86
C CYS B 91 16.81 -12.68 2.45
N ASP B 92 17.95 -12.35 1.85
CA ASP B 92 18.69 -11.16 2.21
C ASP B 92 17.97 -9.85 1.85
N LEU B 93 17.04 -9.89 0.88
CA LEU B 93 16.46 -8.69 0.26
C LEU B 93 14.98 -8.46 0.59
N LYS B 94 14.18 -9.51 0.60
CA LYS B 94 12.77 -9.36 0.90
C LYS B 94 12.57 -8.59 2.20
N GLY B 95 11.54 -7.76 2.21
CA GLY B 95 11.19 -7.01 3.38
C GLY B 95 12.10 -5.83 3.63
N LYS B 96 13.11 -5.64 2.76
CA LYS B 96 14.11 -4.61 2.92
C LYS B 96 14.21 -3.81 1.62
N TYR B 97 15.15 -2.86 1.62
CA TYR B 97 15.47 -1.99 0.50
C TYR B 97 16.93 -2.10 0.13
N VAL B 98 17.20 -2.10 -1.16
CA VAL B 98 18.54 -2.26 -1.68
C VAL B 98 18.86 -1.01 -2.47
N GLN B 99 20.01 -0.40 -2.17
CA GLN B 99 20.51 0.74 -2.93
C GLN B 99 21.34 0.22 -4.07
N ILE B 100 21.11 0.74 -5.29
CA ILE B 100 21.81 0.31 -6.47
C ILE B 100 22.50 1.52 -7.07
N PRO B 101 23.83 1.46 -7.32
CA PRO B 101 24.50 2.49 -8.14
C PRO B 101 23.59 2.89 -9.26
N THR B 102 23.41 4.19 -9.45
CA THR B 102 22.48 4.62 -10.51
C THR B 102 22.92 4.09 -11.87
N THR B 103 24.22 3.91 -12.09
CA THR B 103 24.74 3.39 -13.34
C THR B 103 24.38 1.93 -13.61
N CYS B 104 23.78 1.22 -12.66
CA CYS B 104 23.42 -0.18 -12.87
C CYS B 104 21.96 -0.45 -12.62
N ALA B 105 21.16 0.58 -12.33
CA ALA B 105 19.74 0.42 -12.02
C ALA B 105 18.91 -0.08 -13.22
N ASN B 106 19.49 -0.30 -14.39
CA ASN B 106 18.79 -1.02 -15.43
C ASN B 106 18.67 -2.51 -15.12
N ASP B 107 19.55 -3.05 -14.27
CA ASP B 107 19.53 -4.47 -13.92
C ASP B 107 19.81 -4.67 -12.44
N PRO B 108 18.88 -4.29 -11.58
CA PRO B 108 19.09 -4.51 -10.13
C PRO B 108 19.26 -5.98 -9.77
N VAL B 109 18.63 -6.91 -10.48
CA VAL B 109 18.80 -8.30 -10.12
C VAL B 109 20.21 -8.76 -10.43
N GLY B 110 20.71 -8.41 -11.61
CA GLY B 110 22.11 -8.68 -11.90
C GLY B 110 23.04 -8.13 -10.84
N PHE B 111 22.87 -6.86 -10.49
CA PHE B 111 23.83 -6.22 -9.62
C PHE B 111 23.91 -6.91 -8.27
N THR B 112 22.75 -7.14 -7.65
CA THR B 112 22.72 -7.74 -6.33
C THR B 112 23.34 -9.13 -6.33
N LEU B 113 23.11 -9.88 -7.40
CA LEU B 113 23.60 -11.24 -7.49
C LEU B 113 25.12 -11.28 -7.60
N LYS B 114 25.68 -10.38 -8.43
CA LYS B 114 27.10 -10.37 -8.76
C LYS B 114 27.95 -9.76 -7.66
N ASN B 115 27.43 -8.78 -6.95
CA ASN B 115 28.20 -8.04 -5.97
C ASN B 115 27.89 -8.53 -4.56
N THR B 116 28.80 -8.19 -3.66
CA THR B 116 28.76 -8.62 -2.28
C THR B 116 28.87 -7.41 -1.37
N VAL B 117 28.25 -7.54 -0.19
CA VAL B 117 28.15 -6.48 0.82
C VAL B 117 29.27 -6.62 1.84
N CYS B 118 29.87 -5.50 2.23
CA CYS B 118 30.92 -5.55 3.25
C CYS B 118 30.29 -5.84 4.60
N THR B 119 30.73 -6.94 5.22
CA THR B 119 30.26 -7.28 6.55
C THR B 119 30.63 -6.25 7.59
N VAL B 120 31.49 -5.29 7.26
CA VAL B 120 31.99 -4.36 8.27
C VAL B 120 31.22 -3.06 8.16
N CYS B 121 31.34 -2.35 7.04
CA CYS B 121 30.69 -1.05 6.96
C CYS B 121 29.31 -1.06 6.30
N GLY B 122 28.87 -2.17 5.73
CA GLY B 122 27.54 -2.27 5.17
C GLY B 122 27.40 -1.82 3.73
N MET B 123 28.43 -1.22 3.15
CA MET B 123 28.38 -0.74 1.78
C MET B 123 28.69 -1.86 0.78
N TRP B 124 28.40 -1.60 -0.48
CA TRP B 124 28.69 -2.58 -1.51
C TRP B 124 30.20 -2.65 -1.70
N LYS B 125 30.74 -3.86 -1.67
CA LYS B 125 32.16 -3.97 -1.94
C LYS B 125 32.43 -3.53 -3.37
N GLY B 126 33.24 -2.50 -3.51
CA GLY B 126 33.52 -1.92 -4.81
C GLY B 126 32.62 -0.79 -5.22
N TYR B 127 31.61 -0.47 -4.41
CA TYR B 127 30.63 0.57 -4.71
C TYR B 127 30.29 1.30 -3.42
N GLY B 128 31.33 1.65 -2.66
CA GLY B 128 31.17 2.35 -1.42
C GLY B 128 32.12 1.89 -0.35
N CYS B 129 32.27 0.58 -0.14
CA CYS B 129 33.16 0.09 0.90
C CYS B 129 34.56 0.67 0.71
N SER B 130 34.96 1.55 1.63
CA SER B 130 36.30 2.12 1.65
C SER B 130 37.11 1.59 2.82
N CYS B 131 36.69 0.46 3.38
CA CYS B 131 37.41 -0.17 4.48
C CYS B 131 38.88 -0.37 4.15
N ASP B 132 39.19 -0.84 2.93
CA ASP B 132 40.56 -1.13 2.56
C ASP B 132 41.46 0.11 2.66
N GLN B 133 41.02 1.24 2.11
CA GLN B 133 41.71 2.52 2.33
C GLN B 133 40.89 3.67 1.76
N1 SGV C . -9.47 -10.63 -3.75
C2 SGV C . -8.24 -10.15 -3.75
N3 SGV C . -7.80 -9.37 -4.73
C4 SGV C . -8.61 -9.05 -5.78
C5 SGV C . -9.91 -9.52 -5.84
C6 SGV C . -10.33 -10.36 -4.75
N6 SGV C . -11.67 -10.90 -4.70
C7 SGV C . -10.46 -8.98 -7.05
C8 SGV C . -9.44 -8.23 -7.64
N9 SGV C . -8.36 -8.28 -6.88
C1' SGV C . -7.18 -7.71 -7.05
C10 SGV C . -11.89 -9.16 -7.67
N11 SGV C . -13.09 -9.53 -6.93
O12 SGV C . -12.05 -9.01 -8.82
C2' SGV C . -6.57 -7.98 -8.50
O2' SGV C . -5.82 -9.26 -8.60
C3' SGV C . -5.79 -6.99 -8.74
O3' SGV C . -4.39 -7.38 -8.54
C4' SGV C . -6.21 -5.74 -7.67
O4' SGV C . -7.22 -6.15 -6.98
C5' SGV C . -6.56 -4.53 -8.47
O5' SGV C . -5.39 -3.80 -8.79
H2 SGV C . -7.58 -10.41 -2.93
HN6 SGV C . -11.88 -11.75 -5.19
HN6A SGV C . -12.38 -10.45 -4.16
H8 SGV C . -9.52 -7.69 -8.58
H1' SGV C . -6.55 -8.13 -6.27
HN11 SGV C . -13.06 -9.69 -5.94
HN1A SGV C . -13.96 -9.63 -7.41
H2' SGV C . -7.39 -7.99 -9.21
HO2' SGV C . -6.04 -9.79 -7.85
H3' SGV C . -5.95 -6.67 -9.76
HO3' SGV C . -4.33 -8.32 -8.44
H4' SGV C . -5.38 -5.54 -7.00
H5' SGV C . -7.05 -4.83 -9.39
H5'A SGV C . -7.23 -3.89 -7.90
HO5' SGV C . -5.02 -3.46 -7.99
N2 GTA D . -15.26 9.71 -21.39
O6 GTA D . -14.49 10.63 -16.84
C6 GTA D . -14.80 9.82 -17.64
C5 GTA D . -15.16 8.39 -17.26
N7 GTA D . -15.22 7.72 -16.08
C7 GTA D . -14.92 8.31 -14.79
C8 GTA D . -15.60 6.47 -16.34
N9 GTA D . -15.78 6.31 -17.64
C4 GTA D . -15.53 7.47 -18.24
N3 GTA D . -15.57 7.90 -19.65
C2 GTA D . -15.22 9.28 -20.01
N1 GTA D . -14.84 10.24 -19.00
O3A GTA D . -14.09 2.39 -18.42
C1A GTA D . -16.21 5.10 -18.32
C2A GTA D . -15.23 4.45 -18.89
C3A GTA D . -14.76 3.43 -17.86
C4A GTA D . -16.16 2.99 -17.27
C5A GTA D . -15.99 2.45 -15.82
O4A GTA D . -16.88 4.06 -17.26
O2A GTA D . -15.76 3.71 -20.11
P1 GTA D . -14.34 3.02 -13.84
O11 GTA D . -15.12 2.64 -12.60
O12 GTA D . -13.41 1.93 -14.32
O13 GTA D . -13.55 4.37 -13.47
O15 GTA D . -15.37 3.45 -15.03
P2 GTA D . -12.18 4.83 -14.22
O22 GTA D . -12.07 6.33 -14.06
O21 GTA D . -12.13 4.43 -15.66
O23 GTA D . -10.95 4.05 -13.47
P3 GTA D . -9.47 4.05 -14.17
O32 GTA D . -9.16 5.44 -14.68
O31 GTA D . -9.37 3.03 -15.27
O33 GTA D . -8.34 3.79 -13.04
C5B GTA D . -8.74 3.28 -11.81
C4B GTA D . -7.54 2.56 -11.21
O4B GTA D . -8.19 1.09 -10.86
C3B GTA D . -6.55 2.40 -12.03
O3B GTA D . -5.48 3.46 -11.88
C2B GTA D . -5.99 1.07 -11.54
O2B GTA D . -5.25 1.23 -10.42
C1B GTA D . -7.28 0.26 -11.18
N9C GTA D . -7.69 -0.47 -12.40
C8C GTA D . -8.42 0.02 -13.41
N7C GTA D . -8.58 -0.92 -14.32
C5C GTA D . -7.95 -2.03 -13.89
C6C GTA D . -7.77 -3.32 -14.38
N6C GTA D . -8.35 -3.68 -15.66
N1C GTA D . -7.07 -4.20 -13.68
C2C GTA D . -6.53 -3.89 -12.51
N3C GTA D . -6.69 -2.67 -12.00
C4C GTA D . -7.38 -1.74 -12.66
HN21 GTA D . -15.01 10.67 -21.61
HN22 GTA D . -15.51 9.08 -22.11
H71 GTA D . -15.15 9.37 -14.80
H72 GTA D . -13.86 8.17 -14.57
H73 GTA D . -15.51 7.81 -14.03
H8 GTA D . -15.74 5.70 -15.58
HN1 GTA D . -14.60 11.18 -19.25
HO3A GTA D . -13.17 2.54 -18.31
H1A GTA D . -16.92 5.38 -19.09
H2A GTA D . -14.43 5.14 -19.15
H3A GTA D . -14.09 3.84 -17.12
H4A GTA D . -16.60 2.25 -17.91
H5A1 GTA D . -15.37 1.56 -15.83
H5A2 GTA D . -16.97 2.22 -15.40
HO2A GTA D . -16.62 3.37 -19.93
H5B1 GTA D . -9.05 4.08 -11.15
H5B2 GTA D . -9.55 2.57 -11.94
H4B GTA D . -7.07 3.08 -10.38
H3B GTA D . -6.91 2.41 -13.06
HO3B GTA D . -4.66 3.06 -11.67
H2B GTA D . -5.38 0.61 -12.32
HO2B GTA D . -5.13 0.38 -9.99
H1B GTA D . -7.08 -0.38 -10.33
H8C GTA D . -8.80 1.03 -13.46
HN61 GTA D . -9.25 -3.33 -15.91
HN62 GTA D . -7.87 -4.30 -16.29
H2C GTA D . -5.97 -4.63 -11.95
O1 MES E . -7.58 14.29 11.31
C2 MES E . -7.23 15.22 10.27
C3 MES E . -8.07 16.51 10.21
N4 MES E . -9.48 16.13 10.25
C5 MES E . -9.86 15.19 11.31
C6 MES E . -8.95 13.96 11.34
C7 MES E . -10.39 17.29 10.24
C8 MES E . -10.26 18.02 8.90
S MES E . -11.27 19.35 8.75
O1S MES E . -10.44 20.60 8.71
O2S MES E . -12.26 19.39 9.86
O3S MES E . -12.03 19.18 7.48
H21 MES E . -6.19 15.51 10.40
H22 MES E . -7.32 14.71 9.30
H31 MES E . -7.86 17.06 9.29
H32 MES E . -7.84 17.15 11.06
HN4 MES E . -9.58 15.62 9.38
H51 MES E . -10.90 14.86 11.14
H52 MES E . -9.82 15.69 12.27
H61 MES E . -9.15 13.38 12.24
H62 MES E . -9.18 13.33 10.48
H71 MES E . -10.14 17.96 11.07
H72 MES E . -11.42 16.95 10.39
H81 MES E . -10.48 17.31 8.10
H82 MES E . -9.22 18.35 8.79
N SAH F . -2.04 -2.79 -5.31
CA SAH F . -1.23 -3.11 -6.46
CB SAH F . -2.04 -2.92 -7.71
CG SAH F . -3.40 -3.58 -7.55
SD SAH F . -4.26 -3.90 -9.15
C SAH F . -0.02 -2.13 -6.40
O SAH F . 0.74 -1.93 -7.44
OXT SAH F . 0.18 -1.55 -5.36
C5' SAH F . -5.89 -4.40 -8.47
C4' SAH F . -5.85 -5.77 -7.67
O4' SAH F . -6.96 -6.01 -7.05
C3' SAH F . -5.65 -6.99 -8.68
O3' SAH F . -4.42 -7.48 -8.61
C2' SAH F . -6.71 -8.02 -8.25
O2' SAH F . -6.17 -9.40 -8.31
C1' SAH F . -7.07 -7.64 -7.02
N9 SAH F . -8.40 -8.16 -6.73
C8 SAH F . -9.56 -7.90 -7.35
N7 SAH F . -10.55 -8.58 -6.79
C5 SAH F . -10.04 -9.29 -5.77
C6 SAH F . -10.58 -10.20 -4.80
N6 SAH F . -12.02 -10.50 -4.78
N1 SAH F . -9.75 -10.75 -3.88
C2 SAH F . -8.43 -10.48 -3.89
N3 SAH F . -7.88 -9.63 -4.78
C4 SAH F . -8.66 -9.03 -5.75
HN1 SAH F . -2.71 -3.49 -5.13
HN2 SAH F . -1.47 -2.65 -4.51
HA SAH F . -0.89 -4.13 -6.47
HB1 SAH F . -2.18 -1.85 -7.90
HB2 SAH F . -1.51 -3.35 -8.56
HG1 SAH F . -4.01 -2.95 -6.96
HG2 SAH F . -3.27 -4.50 -7.05
H5'1 SAH F . -6.21 -3.63 -7.80
H5'2 SAH F . -6.58 -4.49 -9.28
H4' SAH F . -4.99 -5.72 -6.90
H3' SAH F . -5.83 -6.69 -9.66
HO3' SAH F . -4.47 -8.39 -8.44
H2' SAH F . -7.56 -7.98 -8.87
HO2' SAH F . -6.43 -9.86 -7.49
H1' SAH F . -6.40 -8.01 -6.23
H8 SAH F . -9.67 -7.23 -8.21
HN61 SAH F . -12.64 -10.00 -5.36
HN62 SAH F . -12.37 -11.20 -4.22
H2 SAH F . -7.77 -10.96 -3.14
C1 EDO G . -8.47 16.65 -22.41
O1 EDO G . -8.15 16.30 -23.77
C2 EDO G . -7.24 17.15 -21.64
O2 EDO G . -6.44 17.98 -22.52
H11 EDO G . -8.90 15.78 -21.90
H12 EDO G . -9.24 17.44 -22.42
HO1 EDO G . -8.95 16.26 -24.30
H21 EDO G . -6.65 16.30 -21.29
H22 EDO G . -7.55 17.72 -20.77
HO2 EDO G . -5.62 18.24 -22.06
C1 EDO H . -20.93 -7.47 5.12
O1 EDO H . -20.42 -7.25 6.45
C2 EDO H . -21.05 -6.12 4.38
O2 EDO H . -22.41 -5.80 4.03
H11 EDO H . -21.91 -7.94 5.18
H12 EDO H . -20.27 -8.14 4.57
HO1 EDO H . -19.84 -7.99 6.70
H21 EDO H . -20.44 -6.16 3.48
H22 EDO H . -20.65 -5.33 5.01
HO2 EDO H . -22.41 -5.00 3.49
C1 EDO I . -16.63 -10.49 5.75
O1 EDO I . -17.85 -10.93 6.38
C2 EDO I . -15.48 -10.55 6.75
O2 EDO I . -15.19 -11.90 7.12
H11 EDO I . -16.75 -9.47 5.39
H12 EDO I . -16.42 -11.14 4.89
HO1 EDO I . -18.46 -10.18 6.46
H21 EDO I . -15.73 -9.97 7.64
H22 EDO I . -14.59 -10.09 6.30
HO2 EDO I . -14.25 -11.97 7.37
C1 EDO J . -24.61 -0.80 8.57
O1 EDO J . -23.64 -0.21 9.46
C2 EDO J . -23.94 -1.16 7.24
O2 EDO J . -22.57 -0.74 7.23
H11 EDO J . -25.43 -0.09 8.39
H12 EDO J . -25.04 -1.70 9.03
HO1 EDO J . -24.10 0.13 10.25
H21 EDO J . -24.48 -0.69 6.42
H22 EDO J . -23.98 -2.25 7.09
HO2 EDO J . -22.16 -0.98 6.39
C1 EDO K . 8.07 7.18 -15.33
O1 EDO K . 8.17 5.73 -15.31
C2 EDO K . 9.07 7.87 -16.28
O2 EDO K . 10.20 7.07 -16.67
H11 EDO K . 8.24 7.54 -14.31
H12 EDO K . 7.06 7.45 -15.62
HO1 EDO K . 7.45 5.36 -14.78
H21 EDO K . 9.43 8.78 -15.78
H22 EDO K . 8.53 8.17 -17.17
HO2 EDO K . 10.63 7.48 -17.43
C1 EDO L . 3.78 16.41 0.32
O1 EDO L . 3.10 16.37 1.58
C2 EDO L . 5.31 16.29 0.46
O2 EDO L . 6.04 16.86 -0.67
H11 EDO L . 3.54 17.35 -0.19
H12 EDO L . 3.42 15.60 -0.32
HO1 EDO L . 2.17 16.53 1.45
H21 EDO L . 5.57 15.24 0.57
H22 EDO L . 5.62 16.81 1.38
HO2 EDO L . 6.92 16.47 -0.72
C1 V9G M . -14.84 9.79 -17.65
N2 V9G M . -15.23 7.70 -16.03
C3 V9G M . -14.94 8.28 -14.74
C4 V9G M . -15.59 6.43 -16.28
C5 V9G M . -15.52 7.40 -18.21
C6 V9G M . -15.24 9.17 -20.03
C8 V9G M . -15.16 4.37 -18.78
C9 V9G M . -14.82 3.25 -17.80
C10 V9G M . -16.21 2.90 -17.25
C11 V9G M . -16.12 2.47 -15.74
C12 V9G M . -8.90 3.04 -12.12
C13 V9G M . -7.74 2.57 -11.21
C14 V9G M . -6.69 2.39 -11.93
C15 V9G M . -6.02 0.90 -11.52
C16 V9G M . -7.02 0.22 -11.23
C17 V9G M . -8.27 -0.09 -13.39
C18 V9G M . -7.82 -2.12 -13.85
C19 V9G M . -7.64 -3.44 -14.32
C2 V9G M . -15.17 8.35 -17.24
C20 V9G M . -6.35 -3.93 -12.47
C21 V9G M . -7.21 -1.81 -12.66
C22 V9G M . -4.16 -0.29 -10.39
C7 V9G M . -16.17 4.99 -18.28
N1 V9G M . -15.28 9.57 -21.46
N3 V9G M . -15.76 6.25 -17.59
N4 V9G M . -15.57 7.79 -19.65
N5 V9G M . -14.88 10.17 -19.05
N6 V9G M . -7.51 -0.55 -12.42
O1 V9G M . -14.55 10.64 -16.87
O2 V9G M . -14.20 2.19 -18.42
O3 V9G M . -16.90 3.96 -17.26
O4 V9G M . -15.56 3.75 -20.13
O13 V9G M . -9.17 2.99 -15.57
P3 V9G M . -9.47 4.00 -14.48
O12 V9G M . -9.22 5.42 -14.99
O14 V9G M . -8.46 3.83 -13.19
O16 V9G M . -5.69 3.41 -11.67
O17 V9G M . -5.04 0.83 -10.40
N7 V9G M . -8.46 -1.03 -14.28
N8 V9G M . -8.28 -3.86 -15.58
N9 V9G M . -6.93 -4.28 -13.64
N10 V9G M . -6.48 -2.72 -12.01
O15 V9G M . -8.26 1.18 -10.79
O11 V9G M . -11.02 3.88 -13.83
P2 V9G M . -12.23 4.92 -14.27
O9 V9G M . -11.97 6.34 -13.79
O10 V9G M . -12.33 4.88 -15.76
O7 V9G M . -13.56 4.40 -13.48
P1 V9G M . -14.32 2.99 -13.83
O5 V9G M . -15.12 2.61 -12.59
O6 V9G M . -13.39 1.91 -14.31
O8 V9G M . -15.35 3.43 -15.03
H1 V9G M . -15.22 9.33 -14.74
H2 V9G M . -15.51 7.76 -13.97
H3 V9G M . -13.87 8.18 -14.53
H4 V9G M . -15.71 5.68 -15.53
H5 V9G M . -14.32 5.03 -18.88
H6 V9G M . -14.14 3.59 -17.01
H7 V9G M . -16.62 2.15 -17.88
H8 V9G M . -17.10 2.42 -15.33
H9 V9G M . -15.66 1.51 -15.68
H10 V9G M . -9.40 2.18 -12.51
H11 V9G M . -9.58 3.60 -11.53
H12 V9G M . -7.43 3.23 -10.36
H13 V9G M . -7.03 2.40 -12.95
H14 V9G M . -5.45 0.58 -12.39
H15 V9G M . -6.72 -0.36 -10.40
H16 V9G M . -8.65 0.91 -13.46
H17 V9G M . -5.77 -4.64 -11.94
H18 V9G M . -4.27 -0.82 -11.31
H19 V9G M . -3.15 0.06 -10.29
H20 V9G M . -4.41 -0.93 -9.56
H21 V9G M . -16.85 5.23 -19.08
H22 V9G M . -15.05 10.50 -21.71
H23 V9G M . -15.52 8.91 -22.16
H24 V9G M . -14.65 11.13 -19.33
H25 V9G M . -14.78 1.84 -19.08
H26 V9G M . -15.75 4.45 -20.74
H28 V9G M . -4.82 2.98 -11.49
H29 V9G M . -9.13 -3.42 -15.87
H30 V9G M . -7.86 -4.59 -16.15
ZN ZN N . 14.53 -13.53 -2.30
ZN ZN O . 33.52 -2.00 4.28
C1 EDO P . 24.57 -11.58 -3.04
O1 EDO P . 24.39 -10.34 -2.33
C2 EDO P . 26.01 -11.74 -3.55
O2 EDO P . 26.59 -13.02 -3.23
H11 EDO P . 23.88 -11.63 -3.88
H12 EDO P . 24.33 -12.41 -2.37
HO1 EDO P . 23.49 -10.30 -1.98
H21 EDO P . 26.63 -10.95 -3.11
H22 EDO P . 26.01 -11.60 -4.64
HO2 EDO P . 27.52 -13.04 -3.53
C1 EDO Q . 16.44 2.72 -13.44
O1 EDO Q . 15.07 2.99 -13.11
C2 EDO Q . 17.06 4.05 -13.86
O2 EDO Q . 15.97 4.85 -14.34
H11 EDO Q . 16.50 2.00 -14.26
H12 EDO Q . 16.97 2.31 -12.58
HO1 EDO Q . 14.72 2.27 -12.57
H21 EDO Q . 17.81 3.91 -14.64
H22 EDO Q . 17.54 4.54 -13.01
HO2 EDO Q . 16.02 5.74 -13.96
#